data_9QV7
#
_entry.id   9QV7
#
loop_
_entity.id
_entity.type
_entity.pdbx_description
1 polymer 'Archaeal histone A'
2 polymer 'DNA (120-MER) from Widom601'
3 polymer 'DNA (120-MER) from Widom601'
#
loop_
_entity_poly.entity_id
_entity_poly.type
_entity_poly.pdbx_seq_one_letter_code
_entity_poly.pdbx_strand_id
1 'polypeptide(L)' MAGNFANARVEKLIRQAGAQRVSADAVDKMNEILTDWGKNIAKYAVEIARHSGRKTVKENDIKLAAQK A,B,C,D,E,F,G,H
2 'polydeoxyribonucleotide'
;(DG)(DT)(DG)(DC)(DC)(DG)(DA)(DG)(DG)(DC)(DC)(DG)(DC)(DT)(DC)(DA)(DA)(DT)(DT)(DG)
(DG)(DT)(DC)(DG)(DT)(DA)(DG)(DA)(DC)(DA)(DG)(DC)(DT)(DC)(DT)(DA)(DG)(DC)(DA)(DC)
(DC)(DG)(DC)(DT)(DT)(DA)(DA)(DA)(DC)(DG)(DC)(DA)(DC)(DG)(DT)(DA)(DC)(DG)(DC)(DG)
(DC)(DT)(DG)(DT)(DC)(DC)(DC)(DC)(DC)(DG)(DC)(DG)(DT)(DT)(DT)(DT)(DA)(DA)(DC)(DC)
(DG)(DC)(DC)(DA)(DA)(DG)(DG)(DG)(DG)(DA)(DT)(DT)(DA)(DC)(DT)(DC)(DC)(DC)(DT)(DA)
(DG)(DT)(DC)(DT)(DC)(DC)(DA)(DG)(DG)(DC)(DA)(DC)(DG)(DT)(DG)(DT)(DC)(DA)(DG)(DA)
;
X
3 'polydeoxyribonucleotide'
;(DT)(DC)(DT)(DG)(DA)(DC)(DA)(DC)(DG)(DT)(DG)(DC)(DC)(DT)(DG)(DG)(DA)(DG)(DA)(DC)
(DT)(DA)(DG)(DG)(DG)(DA)(DG)(DT)(DA)(DA)(DT)(DC)(DC)(DC)(DC)(DT)(DT)(DG)(DG)(DC)
(DG)(DG)(DT)(DT)(DA)(DA)(DA)(DA)(DC)(DG)(DC)(DG)(DG)(DG)(DG)(DG)(DA)(DC)(DA)(DG)
(DC)(DG)(DC)(DG)(DT)(DA)(DC)(DG)(DT)(DG)(DC)(DG)(DT)(DT)(DT)(DA)(DA)(DG)(DC)(DG)
(DG)(DT)(DG)(DC)(DT)(DA)(DG)(DA)(DG)(DC)(DT)(DG)(DT)(DC)(DT)(DA)(DC)(DG)(DA)(DC)
(DC)(DA)(DA)(DT)(DT)(DG)(DA)(DG)(DC)(DG)(DG)(DC)(DC)(DT)(DC)(DG)(DG)(DC)(DA)(DC)
;
Y
#
# COMPACT_ATOMS: atom_id res chain seq x y z
N MET A 1 35.89 33.89 -12.45
CA MET A 1 34.86 33.04 -11.81
C MET A 1 34.59 33.53 -10.36
N ALA A 2 33.37 33.37 -9.86
CA ALA A 2 33.00 33.83 -8.49
C ALA A 2 33.36 32.77 -7.45
N GLY A 3 33.34 31.48 -7.81
CA GLY A 3 33.56 30.39 -6.85
C GLY A 3 34.76 29.53 -7.20
N ASN A 4 35.22 28.71 -6.25
CA ASN A 4 36.47 27.93 -6.45
C ASN A 4 36.21 26.67 -7.27
N PHE A 5 34.98 26.21 -7.43
CA PHE A 5 34.73 24.90 -8.10
C PHE A 5 34.59 25.06 -9.61
N ALA A 6 34.65 23.95 -10.33
CA ALA A 6 34.50 23.97 -11.80
C ALA A 6 33.05 24.21 -12.18
N ASN A 7 32.78 25.24 -12.97
CA ASN A 7 31.39 25.62 -13.31
C ASN A 7 30.66 24.43 -13.92
N ALA A 8 31.29 23.73 -14.86
CA ALA A 8 30.63 22.61 -15.54
C ALA A 8 30.26 21.52 -14.54
N ARG A 9 31.09 21.33 -13.50
CA ARG A 9 30.85 20.30 -12.47
C ARG A 9 29.68 20.73 -11.57
N VAL A 10 29.56 22.03 -11.30
CA VAL A 10 28.42 22.55 -10.49
C VAL A 10 27.16 22.34 -11.32
N GLU A 11 27.19 22.73 -12.59
CA GLU A 11 26.03 22.60 -13.49
C GLU A 11 25.60 21.13 -13.54
N LYS A 12 26.58 20.23 -13.64
CA LYS A 12 26.27 18.79 -13.76
C LYS A 12 25.52 18.36 -12.51
N LEU A 13 25.85 18.93 -11.35
CA LEU A 13 25.20 18.49 -10.09
C LEU A 13 23.73 18.92 -10.13
N ILE A 14 23.46 20.12 -10.64
CA ILE A 14 22.06 20.64 -10.70
C ILE A 14 21.27 19.77 -11.71
N ARG A 15 21.86 19.42 -12.85
CA ARG A 15 21.17 18.55 -13.83
C ARG A 15 20.89 17.19 -13.17
N GLN A 16 21.84 16.68 -12.39
CA GLN A 16 21.69 15.35 -11.75
C GLN A 16 20.56 15.41 -10.70
N ALA A 17 20.27 16.58 -10.16
CA ALA A 17 19.15 16.75 -9.19
C ALA A 17 17.83 16.70 -9.93
N GLY A 18 17.84 16.84 -11.26
CA GLY A 18 16.61 16.67 -12.07
C GLY A 18 16.27 17.86 -12.94
N ALA A 19 17.09 18.90 -12.94
CA ALA A 19 16.77 20.14 -13.70
C ALA A 19 16.60 19.84 -15.18
N GLN A 20 15.55 20.37 -15.80
CA GLN A 20 15.32 20.17 -17.25
C GLN A 20 16.27 21.11 -18.00
N ARG A 21 16.53 22.30 -17.47
CA ARG A 21 17.49 23.27 -18.07
C ARG A 21 18.12 24.06 -16.91
N VAL A 22 19.36 24.52 -17.05
CA VAL A 22 20.08 25.21 -15.93
C VAL A 22 20.66 26.53 -16.42
N SER A 23 20.28 27.63 -15.79
CA SER A 23 20.73 28.97 -16.25
C SER A 23 22.16 29.21 -15.79
N ALA A 24 22.95 29.91 -16.60
CA ALA A 24 24.37 30.16 -16.27
C ALA A 24 24.47 30.93 -14.95
N ASP A 25 23.49 31.79 -14.67
CA ASP A 25 23.52 32.55 -13.39
C ASP A 25 23.24 31.60 -12.21
N ALA A 26 22.47 30.52 -12.40
CA ALA A 26 22.23 29.55 -11.31
C ALA A 26 23.53 28.82 -11.03
N VAL A 27 24.30 28.52 -12.06
CA VAL A 27 25.61 27.86 -11.88
C VAL A 27 26.50 28.82 -11.08
N ASP A 28 26.54 30.10 -11.43
CA ASP A 28 27.47 31.02 -10.73
C ASP A 28 27.02 31.20 -9.27
N LYS A 29 25.72 31.25 -9.01
CA LYS A 29 25.25 31.47 -7.63
C LYS A 29 25.53 30.20 -6.82
N MET A 30 25.33 29.04 -7.42
CA MET A 30 25.59 27.76 -6.74
C MET A 30 27.09 27.67 -6.42
N ASN A 31 27.97 28.00 -7.36
CA ASN A 31 29.43 27.93 -7.16
C ASN A 31 29.80 28.88 -6.03
N GLU A 32 29.20 30.06 -5.99
CA GLU A 32 29.52 31.03 -4.92
C GLU A 32 29.07 30.48 -3.56
N ILE A 33 27.86 29.95 -3.46
CA ILE A 33 27.34 29.50 -2.13
C ILE A 33 28.10 28.25 -1.66
N LEU A 34 28.42 27.32 -2.55
CA LEU A 34 29.20 26.13 -2.13
C LEU A 34 30.63 26.54 -1.79
N THR A 35 31.19 27.56 -2.42
CA THR A 35 32.52 28.06 -2.03
C THR A 35 32.43 28.63 -0.64
N ASP A 36 31.44 29.46 -0.35
CA ASP A 36 31.38 30.12 0.98
C ASP A 36 31.18 29.08 2.08
N TRP A 37 30.22 28.16 1.92
CA TRP A 37 29.91 27.17 2.98
C TRP A 37 31.13 26.28 3.15
N GLY A 38 31.82 25.99 2.07
CA GLY A 38 33.06 25.18 2.14
C GLY A 38 34.12 25.92 2.91
N LYS A 39 34.26 27.22 2.67
CA LYS A 39 35.30 28.01 3.36
C LYS A 39 34.97 28.08 4.87
N ASN A 40 33.71 28.15 5.26
CA ASN A 40 33.35 28.15 6.71
C ASN A 40 33.75 26.82 7.33
N ILE A 41 33.45 25.71 6.67
CA ILE A 41 33.82 24.36 7.20
C ILE A 41 35.35 24.33 7.29
N ALA A 42 36.06 24.83 6.29
CA ALA A 42 37.53 24.73 6.30
C ALA A 42 38.10 25.61 7.43
N LYS A 43 37.52 26.78 7.68
CA LYS A 43 38.02 27.67 8.76
C LYS A 43 37.90 26.96 10.11
N TYR A 44 36.77 26.31 10.38
CA TYR A 44 36.59 25.58 11.66
C TYR A 44 37.51 24.35 11.68
N ALA A 45 37.73 23.69 10.55
CA ALA A 45 38.64 22.53 10.50
C ALA A 45 40.07 22.97 10.85
N VAL A 46 40.49 24.15 10.39
CA VAL A 46 41.86 24.67 10.69
C VAL A 46 41.94 25.02 12.18
N GLU A 47 40.87 25.55 12.76
CA GLU A 47 40.84 25.83 14.22
C GLU A 47 40.97 24.49 14.96
N ILE A 48 40.20 23.49 14.55
CA ILE A 48 40.19 22.16 15.24
C ILE A 48 41.57 21.51 15.07
N ALA A 49 42.25 21.73 13.94
CA ALA A 49 43.61 21.18 13.73
C ALA A 49 44.58 21.85 14.71
N ARG A 50 44.50 23.17 14.86
CA ARG A 50 45.37 23.91 15.82
C ARG A 50 45.13 23.36 17.23
N HIS A 51 43.86 23.10 17.60
CA HIS A 51 43.51 22.58 18.95
C HIS A 51 43.98 21.13 19.08
N SER A 52 44.00 20.37 17.98
CA SER A 52 44.42 18.94 17.99
C SER A 52 45.95 18.84 18.08
N GLY A 53 46.68 19.87 17.62
CA GLY A 53 48.15 19.87 17.63
C GLY A 53 48.69 19.34 16.33
N ARG A 54 47.99 18.40 15.71
CA ARG A 54 48.38 17.86 14.37
C ARG A 54 48.17 18.98 13.35
N LYS A 55 49.23 19.42 12.68
CA LYS A 55 49.13 20.54 11.71
C LYS A 55 48.43 20.09 10.41
N THR A 56 48.51 18.80 10.05
CA THR A 56 47.87 18.26 8.83
C THR A 56 46.39 18.08 9.09
N VAL A 57 45.57 18.96 8.53
CA VAL A 57 44.08 18.85 8.70
C VAL A 57 43.68 17.41 8.39
N LYS A 58 43.05 16.71 9.34
CA LYS A 58 42.74 15.27 9.17
C LYS A 58 41.28 15.06 8.81
N GLU A 59 40.93 13.84 8.38
CA GLU A 59 39.54 13.53 7.95
C GLU A 59 38.56 13.82 9.10
N ASN A 60 38.96 13.57 10.34
CA ASN A 60 38.07 13.81 11.50
C ASN A 60 37.80 15.30 11.68
N ASP A 61 38.78 16.16 11.36
CA ASP A 61 38.64 17.63 11.60
C ASP A 61 37.52 18.17 10.72
N ILE A 62 37.35 17.65 9.50
CA ILE A 62 36.29 18.10 8.55
C ILE A 62 34.93 17.73 9.15
N LYS A 63 34.80 16.51 9.68
CA LYS A 63 33.52 16.05 10.26
C LYS A 63 33.15 16.97 11.42
N LEU A 64 34.11 17.31 12.29
CA LEU A 64 33.83 18.14 13.50
C LEU A 64 33.49 19.56 13.08
N ALA A 65 34.10 20.08 12.02
CA ALA A 65 33.84 21.44 11.52
C ALA A 65 32.43 21.51 10.93
N ALA A 66 31.99 20.49 10.20
CA ALA A 66 30.63 20.44 9.63
C ALA A 66 29.62 20.33 10.77
N GLN A 67 30.02 19.69 11.86
CA GLN A 67 29.14 19.48 13.05
C GLN A 67 29.22 20.69 13.99
N LYS A 68 29.85 21.80 13.59
CA LYS A 68 30.01 23.01 14.44
C LYS A 68 28.64 23.61 14.77
N MET B 1 35.50 9.04 -7.43
CA MET B 1 35.23 10.12 -6.44
C MET B 1 33.80 9.94 -5.90
N ALA B 2 33.60 10.06 -4.59
CA ALA B 2 32.26 9.95 -3.96
C ALA B 2 31.52 11.28 -4.14
N GLY B 3 32.20 12.42 -3.98
CA GLY B 3 31.59 13.72 -4.26
C GLY B 3 31.81 14.11 -5.70
N ASN B 4 31.05 15.07 -6.23
CA ASN B 4 31.12 15.41 -7.67
C ASN B 4 32.28 16.35 -7.98
N PHE B 5 32.81 17.09 -7.01
CA PHE B 5 33.78 18.16 -7.32
C PHE B 5 35.18 17.65 -7.58
N ALA B 6 36.00 18.48 -8.19
CA ALA B 6 37.40 18.12 -8.50
C ALA B 6 38.21 18.05 -7.21
N ASN B 7 38.80 16.90 -6.90
CA ASN B 7 39.53 16.72 -5.62
C ASN B 7 40.62 17.80 -5.48
N ALA B 8 41.36 18.09 -6.54
CA ALA B 8 42.46 19.09 -6.47
C ALA B 8 41.87 20.45 -6.11
N ARG B 9 40.66 20.73 -6.62
CA ARG B 9 39.95 22.00 -6.37
C ARG B 9 39.42 22.04 -4.93
N VAL B 10 38.92 20.92 -4.41
CA VAL B 10 38.44 20.85 -3.00
C VAL B 10 39.65 21.11 -2.09
N GLU B 11 40.78 20.47 -2.38
CA GLU B 11 42.00 20.64 -1.56
C GLU B 11 42.42 22.11 -1.61
N LYS B 12 42.37 22.73 -2.79
CA LYS B 12 42.81 24.14 -2.96
C LYS B 12 41.98 25.05 -2.05
N LEU B 13 40.72 24.71 -1.83
CA LEU B 13 39.83 25.53 -0.96
C LEU B 13 40.28 25.37 0.50
N ILE B 14 40.60 24.15 0.94
CA ILE B 14 41.00 23.89 2.36
C ILE B 14 42.34 24.60 2.62
N ARG B 15 43.31 24.49 1.71
CA ARG B 15 44.60 25.20 1.87
C ARG B 15 44.34 26.72 1.90
N GLN B 16 43.46 27.23 1.04
CA GLN B 16 43.21 28.69 0.93
C GLN B 16 42.56 29.19 2.22
N ALA B 17 41.83 28.32 2.93
CA ALA B 17 41.16 28.71 4.19
C ALA B 17 42.20 28.94 5.28
N GLY B 18 43.37 28.29 5.19
CA GLY B 18 44.47 28.53 6.15
C GLY B 18 45.25 27.27 6.52
N ALA B 19 44.76 26.08 6.14
CA ALA B 19 45.41 24.81 6.51
C ALA B 19 46.82 24.73 5.93
N GLN B 20 47.83 24.49 6.78
CA GLN B 20 49.25 24.45 6.33
C GLN B 20 49.49 23.18 5.51
N ARG B 21 48.84 22.07 5.88
CA ARG B 21 48.97 20.77 5.18
C ARG B 21 47.58 20.12 5.13
N VAL B 22 47.32 19.17 4.23
CA VAL B 22 45.95 18.56 4.13
C VAL B 22 45.97 17.06 3.91
N SER B 23 45.14 16.33 4.66
CA SER B 23 45.00 14.87 4.45
C SER B 23 44.16 14.60 3.20
N ALA B 24 44.50 13.57 2.44
CA ALA B 24 43.70 13.18 1.26
C ALA B 24 42.30 12.75 1.73
N ASP B 25 42.20 12.15 2.91
CA ASP B 25 40.90 11.69 3.44
C ASP B 25 40.08 12.92 3.82
N ALA B 26 40.72 14.00 4.25
CA ALA B 26 40.01 15.25 4.56
C ALA B 26 39.44 15.82 3.26
N VAL B 27 40.19 15.73 2.17
CA VAL B 27 39.72 16.21 0.84
C VAL B 27 38.49 15.39 0.45
N ASP B 28 38.55 14.07 0.54
CA ASP B 28 37.41 13.23 0.10
C ASP B 28 36.21 13.50 0.99
N LYS B 29 36.41 13.74 2.28
CA LYS B 29 35.29 13.97 3.21
C LYS B 29 34.67 15.33 2.91
N MET B 30 35.49 16.34 2.63
CA MET B 30 34.96 17.68 2.28
C MET B 30 34.14 17.54 1.00
N ASN B 31 34.68 16.89 -0.03
CA ASN B 31 34.00 16.71 -1.34
C ASN B 31 32.64 16.05 -1.11
N GLU B 32 32.59 15.04 -0.24
CA GLU B 32 31.33 14.31 0.02
C GLU B 32 30.34 15.25 0.71
N ILE B 33 30.80 16.02 1.69
CA ILE B 33 29.88 16.92 2.46
C ILE B 33 29.34 17.99 1.51
N LEU B 34 30.20 18.56 0.66
CA LEU B 34 29.75 19.65 -0.24
C LEU B 34 28.76 19.08 -1.26
N THR B 35 28.95 17.83 -1.70
CA THR B 35 28.05 17.21 -2.68
C THR B 35 26.71 16.93 -2.03
N ASP B 36 26.67 16.48 -0.78
CA ASP B 36 25.36 16.27 -0.11
C ASP B 36 24.61 17.59 0.01
N TRP B 37 25.26 18.64 0.50
CA TRP B 37 24.57 19.93 0.71
C TRP B 37 24.18 20.48 -0.65
N GLY B 38 25.03 20.28 -1.65
CA GLY B 38 24.74 20.72 -3.01
C GLY B 38 23.49 20.04 -3.53
N LYS B 39 23.34 18.74 -3.29
CA LYS B 39 22.18 18.02 -3.83
C LYS B 39 20.92 18.50 -3.10
N ASN B 40 21.02 18.83 -1.82
CA ASN B 40 19.85 19.35 -1.09
C ASN B 40 19.45 20.71 -1.68
N ILE B 41 20.40 21.60 -1.92
CA ILE B 41 20.09 22.92 -2.52
C ILE B 41 19.50 22.68 -3.92
N ALA B 42 20.10 21.82 -4.73
CA ALA B 42 19.65 21.64 -6.13
C ALA B 42 18.26 20.99 -6.18
N LYS B 43 18.00 20.00 -5.34
CA LYS B 43 16.67 19.34 -5.34
C LYS B 43 15.60 20.38 -4.99
N TYR B 44 15.87 21.20 -3.99
CA TYR B 44 14.86 22.19 -3.56
C TYR B 44 14.76 23.29 -4.60
N ALA B 45 15.87 23.64 -5.26
CA ALA B 45 15.83 24.65 -6.33
C ALA B 45 15.04 24.13 -7.54
N VAL B 46 15.22 22.87 -7.91
CA VAL B 46 14.45 22.30 -9.05
C VAL B 46 12.96 22.34 -8.67
N GLU B 47 12.65 22.08 -7.42
CA GLU B 47 11.24 22.16 -6.99
C GLU B 47 10.77 23.61 -7.09
N ILE B 48 11.60 24.59 -6.73
CA ILE B 48 11.19 26.02 -6.76
C ILE B 48 10.87 26.38 -8.21
N ALA B 49 11.64 25.87 -9.15
CA ALA B 49 11.40 26.16 -10.57
C ALA B 49 10.10 25.50 -10.98
N ARG B 50 9.90 24.23 -10.61
CA ARG B 50 8.70 23.45 -10.99
C ARG B 50 7.42 24.13 -10.48
N HIS B 51 7.42 24.56 -9.22
CA HIS B 51 6.25 25.21 -8.59
C HIS B 51 6.08 26.59 -9.21
N SER B 52 7.16 27.20 -9.65
CA SER B 52 7.08 28.57 -10.23
C SER B 52 6.49 28.47 -11.62
N GLY B 53 6.54 27.28 -12.22
CA GLY B 53 5.99 27.08 -13.57
C GLY B 53 7.03 27.40 -14.61
N ARG B 54 8.31 27.12 -14.34
CA ARG B 54 9.40 27.36 -15.30
C ARG B 54 10.21 26.07 -15.43
N LYS B 55 10.77 25.81 -16.60
CA LYS B 55 11.57 24.60 -16.84
C LYS B 55 13.01 24.88 -16.44
N THR B 56 13.46 26.12 -16.56
CA THR B 56 14.87 26.50 -16.31
C THR B 56 15.08 26.95 -14.89
N VAL B 57 16.05 26.38 -14.19
CA VAL B 57 16.42 26.86 -12.83
C VAL B 57 17.19 28.17 -13.00
N LYS B 58 16.77 29.25 -12.33
CA LYS B 58 17.42 30.58 -12.48
C LYS B 58 18.10 31.01 -11.18
N GLU B 59 18.87 32.08 -11.19
CA GLU B 59 19.66 32.50 -10.01
C GLU B 59 18.81 32.60 -8.75
N ASN B 60 17.63 33.17 -8.82
CA ASN B 60 16.82 33.41 -7.60
C ASN B 60 16.41 32.07 -6.98
N ASP B 61 16.28 31.03 -7.79
CA ASP B 61 15.85 29.71 -7.27
C ASP B 61 16.96 29.14 -6.37
N ILE B 62 18.22 29.40 -6.71
CA ILE B 62 19.34 28.94 -5.85
C ILE B 62 19.34 29.81 -4.57
N LYS B 63 19.09 31.11 -4.69
CA LYS B 63 19.05 31.98 -3.48
C LYS B 63 17.94 31.50 -2.55
N LEU B 64 16.73 31.26 -3.06
CA LEU B 64 15.59 30.89 -2.19
C LEU B 64 15.85 29.51 -1.59
N ALA B 65 16.55 28.63 -2.30
CA ALA B 65 16.80 27.27 -1.81
C ALA B 65 17.87 27.32 -0.73
N ALA B 66 18.72 28.33 -0.75
CA ALA B 66 19.84 28.43 0.23
C ALA B 66 19.35 28.98 1.56
N GLN B 67 18.36 29.88 1.55
CA GLN B 67 17.86 30.54 2.79
C GLN B 67 17.09 29.56 3.69
N LYS B 68 16.72 28.37 3.18
CA LYS B 68 16.05 27.34 4.01
C LYS B 68 16.76 25.99 3.89
N MET C 1 -5.49 27.03 24.59
CA MET C 1 -5.19 25.66 24.09
C MET C 1 -4.04 25.72 23.07
N ALA C 2 -3.22 24.69 22.99
CA ALA C 2 -2.13 24.61 21.99
C ALA C 2 -2.73 24.07 20.71
N GLY C 3 -3.76 23.22 20.82
CA GLY C 3 -4.47 22.68 19.65
C GLY C 3 -5.47 23.69 19.15
N ASN C 4 -5.71 23.72 17.84
CA ASN C 4 -6.55 24.77 17.24
C ASN C 4 -7.98 24.32 17.00
N PHE C 5 -8.25 23.06 16.69
CA PHE C 5 -9.62 22.59 16.32
C PHE C 5 -10.52 22.49 17.53
N ALA C 6 -11.83 22.42 17.30
CA ALA C 6 -12.80 22.37 18.41
C ALA C 6 -12.70 21.01 19.07
N ASN C 7 -12.59 20.94 20.40
CA ASN C 7 -12.37 19.66 21.09
C ASN C 7 -13.50 18.68 20.75
N ALA C 8 -14.74 19.10 20.82
CA ALA C 8 -15.88 18.17 20.61
C ALA C 8 -15.85 17.60 19.20
N ARG C 9 -15.31 18.35 18.24
CA ARG C 9 -15.26 17.89 16.84
C ARG C 9 -14.12 16.88 16.68
N VAL C 10 -13.04 16.98 17.44
CA VAL C 10 -11.95 15.97 17.43
C VAL C 10 -12.47 14.72 18.14
N GLU C 11 -13.18 14.89 19.25
CA GLU C 11 -13.76 13.75 19.99
C GLU C 11 -14.69 12.96 19.08
N LYS C 12 -15.53 13.66 18.33
CA LYS C 12 -16.51 12.98 17.43
C LYS C 12 -15.75 12.08 16.47
N LEU C 13 -14.56 12.47 16.05
CA LEU C 13 -13.81 11.67 15.05
C LEU C 13 -13.30 10.40 15.73
N ILE C 14 -12.92 10.47 17.00
CA ILE C 14 -12.42 9.27 17.74
C ILE C 14 -13.61 8.35 18.06
N ARG C 15 -14.79 8.86 18.42
CA ARG C 15 -15.94 7.97 18.69
C ARG C 15 -16.40 7.29 17.38
N GLN C 16 -16.29 7.96 16.24
CA GLN C 16 -16.68 7.35 14.95
C GLN C 16 -15.66 6.28 14.55
N ALA C 17 -14.40 6.44 14.93
CA ALA C 17 -13.38 5.41 14.65
C ALA C 17 -13.76 4.14 15.41
N GLY C 18 -14.48 4.24 16.53
CA GLY C 18 -14.99 3.05 17.23
C GLY C 18 -14.90 3.09 18.75
N ALA C 19 -14.26 4.10 19.35
CA ALA C 19 -14.01 4.13 20.80
C ALA C 19 -15.30 4.09 21.63
N GLN C 20 -15.33 3.27 22.67
CA GLN C 20 -16.54 3.17 23.52
C GLN C 20 -16.54 4.36 24.46
N ARG C 21 -15.36 4.87 24.82
CA ARG C 21 -15.22 6.06 25.68
C ARG C 21 -13.98 6.82 25.18
N VAL C 22 -13.86 8.14 25.34
CA VAL C 22 -12.67 8.92 24.92
C VAL C 22 -12.26 9.84 26.07
N SER C 23 -10.99 9.77 26.52
CA SER C 23 -10.55 10.59 27.67
C SER C 23 -10.26 12.02 27.23
N ALA C 24 -10.60 12.98 28.07
CA ALA C 24 -10.38 14.41 27.73
C ALA C 24 -8.90 14.62 27.45
N ASP C 25 -8.01 13.83 28.04
CA ASP C 25 -6.57 13.95 27.78
C ASP C 25 -6.25 13.40 26.39
N ALA C 26 -7.02 12.44 25.88
CA ALA C 26 -6.79 11.90 24.52
C ALA C 26 -7.36 12.87 23.49
N VAL C 27 -8.45 13.56 23.80
CA VAL C 27 -8.97 14.59 22.88
C VAL C 27 -7.89 15.66 22.76
N ASP C 28 -7.32 16.11 23.86
CA ASP C 28 -6.33 17.21 23.81
C ASP C 28 -5.10 16.77 23.02
N LYS C 29 -4.65 15.52 23.17
CA LYS C 29 -3.41 15.12 22.48
C LYS C 29 -3.71 14.98 21.00
N MET C 30 -4.91 14.53 20.65
CA MET C 30 -5.27 14.38 19.22
C MET C 30 -5.33 15.77 18.60
N ASN C 31 -5.94 16.73 19.28
CA ASN C 31 -6.07 18.11 18.77
C ASN C 31 -4.68 18.68 18.54
N GLU C 32 -3.75 18.41 19.44
CA GLU C 32 -2.37 18.95 19.32
C GLU C 32 -1.70 18.28 18.12
N ILE C 33 -1.87 16.98 17.92
CA ILE C 33 -1.18 16.28 16.81
C ILE C 33 -1.74 16.78 15.47
N LEU C 34 -3.06 16.93 15.34
CA LEU C 34 -3.68 17.38 14.07
C LEU C 34 -3.32 18.86 13.84
N THR C 35 -3.22 19.70 14.86
CA THR C 35 -2.80 21.09 14.67
C THR C 35 -1.39 21.10 14.17
N ASP C 36 -0.48 20.33 14.74
CA ASP C 36 0.94 20.43 14.33
C ASP C 36 1.07 19.95 12.88
N TRP C 37 0.43 18.83 12.54
CA TRP C 37 0.58 18.30 11.17
C TRP C 37 -0.08 19.25 10.21
N GLY C 38 -1.14 19.90 10.66
CA GLY C 38 -1.80 20.93 9.83
C GLY C 38 -0.87 22.08 9.58
N LYS C 39 -0.17 22.56 10.60
CA LYS C 39 0.67 23.76 10.41
C LYS C 39 1.85 23.39 9.49
N ASN C 40 2.36 22.17 9.54
CA ASN C 40 3.45 21.78 8.61
C ASN C 40 2.93 21.76 7.16
N ILE C 41 1.75 21.22 6.91
CA ILE C 41 1.15 21.24 5.54
C ILE C 41 0.90 22.69 5.14
N ALA C 42 0.37 23.50 6.06
CA ALA C 42 0.03 24.90 5.76
C ALA C 42 1.29 25.73 5.57
N LYS C 43 2.36 25.56 6.34
CA LYS C 43 3.59 26.35 6.09
C LYS C 43 4.17 25.95 4.73
N TYR C 44 4.09 24.67 4.38
CA TYR C 44 4.62 24.18 3.08
C TYR C 44 3.70 24.69 1.97
N ALA C 45 2.41 24.92 2.26
CA ALA C 45 1.45 25.39 1.24
C ALA C 45 1.65 26.87 0.98
N VAL C 46 1.77 27.69 2.01
CA VAL C 46 1.98 29.14 1.83
C VAL C 46 3.31 29.32 1.09
N GLU C 47 4.23 28.39 1.29
CA GLU C 47 5.52 28.43 0.55
C GLU C 47 5.27 28.19 -0.94
N ILE C 48 4.49 27.18 -1.31
CA ILE C 48 4.28 26.84 -2.74
C ILE C 48 3.56 28.02 -3.40
N ALA C 49 2.80 28.80 -2.65
CA ALA C 49 2.13 29.98 -3.21
C ALA C 49 3.16 31.04 -3.56
N ARG C 50 4.06 31.35 -2.63
CA ARG C 50 5.05 32.44 -2.87
C ARG C 50 5.98 32.05 -4.03
N HIS C 51 6.41 30.78 -4.12
CA HIS C 51 7.26 30.31 -5.23
C HIS C 51 6.50 30.50 -6.54
N SER C 52 5.20 30.22 -6.57
CA SER C 52 4.41 30.30 -7.82
C SER C 52 4.18 31.76 -8.17
N GLY C 53 4.29 32.65 -7.21
CA GLY C 53 4.06 34.08 -7.45
C GLY C 53 2.59 34.38 -7.38
N ARG C 54 1.79 33.46 -6.84
CA ARG C 54 0.34 33.62 -6.70
C ARG C 54 0.06 33.96 -5.24
N LYS C 55 -0.75 34.97 -4.95
CA LYS C 55 -0.95 35.43 -3.56
C LYS C 55 -1.91 34.52 -2.79
N THR C 56 -2.82 33.80 -3.47
CA THR C 56 -3.87 32.97 -2.80
C THR C 56 -3.51 31.50 -2.85
N VAL C 57 -3.52 30.84 -1.70
CA VAL C 57 -3.29 29.38 -1.64
C VAL C 57 -4.51 28.67 -2.25
N LYS C 58 -4.31 27.68 -3.11
CA LYS C 58 -5.42 26.99 -3.83
C LYS C 58 -5.29 25.47 -3.71
N GLU C 59 -6.26 24.71 -4.20
CA GLU C 59 -6.29 23.25 -3.99
C GLU C 59 -4.97 22.60 -4.35
N ASN C 60 -4.37 22.97 -5.46
CA ASN C 60 -3.12 22.29 -5.91
C ASN C 60 -2.05 22.52 -4.86
N ASP C 61 -2.07 23.67 -4.17
CA ASP C 61 -0.97 23.97 -3.23
C ASP C 61 -1.09 23.06 -2.01
N ILE C 62 -2.31 22.79 -1.56
CA ILE C 62 -2.50 21.87 -0.40
C ILE C 62 -2.19 20.44 -0.88
N LYS C 63 -2.66 20.06 -2.07
CA LYS C 63 -2.41 18.71 -2.61
C LYS C 63 -0.90 18.47 -2.72
N LEU C 64 -0.14 19.46 -3.18
CA LEU C 64 1.32 19.29 -3.41
C LEU C 64 2.04 19.34 -2.07
N ALA C 65 1.52 20.11 -1.12
CA ALA C 65 2.14 20.19 0.21
C ALA C 65 1.99 18.84 0.90
N ALA C 66 0.86 18.17 0.74
CA ALA C 66 0.59 16.91 1.48
C ALA C 66 1.47 15.76 1.00
N GLN C 67 2.19 15.92 -0.10
CA GLN C 67 3.12 14.86 -0.60
C GLN C 67 4.41 14.86 0.22
N LYS C 68 4.59 15.80 1.14
CA LYS C 68 5.77 15.81 2.05
C LYS C 68 5.42 15.08 3.36
N MET D 1 -20.39 17.74 4.11
CA MET D 1 -18.96 18.13 4.05
C MET D 1 -18.10 16.87 3.92
N ALA D 2 -16.85 17.03 3.49
CA ALA D 2 -15.91 15.89 3.28
C ALA D 2 -15.23 15.51 4.59
N GLY D 3 -15.09 16.45 5.53
CA GLY D 3 -14.33 16.21 6.77
C GLY D 3 -15.02 16.70 8.01
N ASN D 4 -14.51 16.31 9.17
CA ASN D 4 -15.19 16.63 10.43
C ASN D 4 -14.96 18.07 10.87
N PHE D 5 -13.75 18.63 10.73
CA PHE D 5 -13.41 19.95 11.35
C PHE D 5 -14.14 21.10 10.71
N ALA D 6 -14.32 22.17 11.48
CA ALA D 6 -15.07 23.33 10.99
C ALA D 6 -14.25 24.05 9.92
N ASN D 7 -14.87 24.42 8.81
CA ASN D 7 -14.10 25.05 7.71
C ASN D 7 -13.44 26.32 8.22
N ALA D 8 -14.14 27.14 9.00
CA ALA D 8 -13.57 28.44 9.43
C ALA D 8 -12.36 28.20 10.33
N ARG D 9 -12.35 27.08 11.03
CA ARG D 9 -11.23 26.77 11.95
C ARG D 9 -10.05 26.23 11.13
N VAL D 10 -10.29 25.47 10.07
CA VAL D 10 -9.17 25.01 9.20
C VAL D 10 -8.60 26.23 8.48
N GLU D 11 -9.44 27.14 8.03
CA GLU D 11 -8.97 28.35 7.31
C GLU D 11 -8.11 29.17 8.26
N LYS D 12 -8.51 29.30 9.50
CA LYS D 12 -7.76 30.10 10.50
C LYS D 12 -6.35 29.53 10.62
N LEU D 13 -6.20 28.21 10.50
CA LEU D 13 -4.88 27.57 10.67
C LEU D 13 -4.03 27.89 9.43
N ILE D 14 -4.63 27.94 8.25
CA ILE D 14 -3.85 28.28 7.02
C ILE D 14 -3.47 29.77 7.08
N ARG D 15 -4.35 30.66 7.51
CA ARG D 15 -3.96 32.09 7.57
C ARG D 15 -2.85 32.30 8.61
N GLN D 16 -2.85 31.55 9.72
CA GLN D 16 -1.78 31.68 10.73
C GLN D 16 -0.47 31.13 10.18
N ALA D 17 -0.50 30.15 9.28
CA ALA D 17 0.73 29.64 8.65
C ALA D 17 1.38 30.77 7.84
N GLY D 18 0.60 31.73 7.33
CA GLY D 18 1.16 32.91 6.64
C GLY D 18 0.37 33.37 5.43
N ALA D 19 -0.53 32.57 4.88
CA ALA D 19 -1.24 32.87 3.61
C ALA D 19 -1.87 34.25 3.60
N GLN D 20 -1.63 35.01 2.55
CA GLN D 20 -2.25 36.35 2.42
C GLN D 20 -3.72 36.15 2.08
N ARG D 21 -4.05 35.16 1.25
CA ARG D 21 -5.43 34.88 0.79
C ARG D 21 -5.60 33.36 0.71
N VAL D 22 -6.79 32.83 0.96
CA VAL D 22 -7.00 31.35 0.95
C VAL D 22 -8.27 31.02 0.16
N SER D 23 -8.17 30.09 -0.78
CA SER D 23 -9.33 29.75 -1.63
C SER D 23 -10.15 28.68 -0.91
N ALA D 24 -11.46 28.76 -0.97
CA ALA D 24 -12.36 27.82 -0.28
C ALA D 24 -12.07 26.40 -0.75
N ASP D 25 -11.60 26.22 -1.97
CA ASP D 25 -11.23 24.85 -2.42
C ASP D 25 -10.02 24.37 -1.64
N ALA D 26 -9.15 25.27 -1.21
CA ALA D 26 -7.96 24.90 -0.42
C ALA D 26 -8.38 24.59 1.02
N VAL D 27 -9.36 25.31 1.57
CA VAL D 27 -9.88 25.00 2.93
C VAL D 27 -10.48 23.59 2.89
N ASP D 28 -11.26 23.22 1.88
CA ASP D 28 -11.93 21.90 1.83
C ASP D 28 -10.88 20.80 1.67
N LYS D 29 -9.85 21.01 0.86
CA LYS D 29 -8.89 19.92 0.63
C LYS D 29 -8.08 19.76 1.91
N MET D 30 -7.83 20.84 2.64
CA MET D 30 -7.08 20.74 3.91
C MET D 30 -7.95 19.97 4.90
N ASN D 31 -9.22 20.30 5.01
CA ASN D 31 -10.14 19.65 5.96
C ASN D 31 -10.22 18.16 5.65
N GLU D 32 -10.22 17.81 4.37
CA GLU D 32 -10.30 16.39 3.97
C GLU D 32 -8.99 15.71 4.36
N ILE D 33 -7.85 16.35 4.16
CA ILE D 33 -6.55 15.71 4.47
C ILE D 33 -6.44 15.53 5.99
N LEU D 34 -6.87 16.52 6.78
CA LEU D 34 -6.76 16.40 8.27
C LEU D 34 -7.78 15.36 8.76
N THR D 35 -8.98 15.25 8.18
CA THR D 35 -9.92 14.20 8.61
C THR D 35 -9.35 12.86 8.25
N ASP D 36 -8.79 12.69 7.06
CA ASP D 36 -8.31 11.35 6.65
C ASP D 36 -7.18 10.92 7.57
N TRP D 37 -6.28 11.82 7.92
CA TRP D 37 -5.14 11.44 8.78
C TRP D 37 -5.67 11.22 10.17
N GLY D 38 -6.67 11.99 10.56
CA GLY D 38 -7.30 11.82 11.88
C GLY D 38 -7.91 10.45 12.02
N LYS D 39 -8.68 10.01 11.04
CA LYS D 39 -9.39 8.72 11.17
C LYS D 39 -8.36 7.59 11.19
N ASN D 40 -7.24 7.72 10.49
CA ASN D 40 -6.19 6.66 10.54
C ASN D 40 -5.57 6.61 11.94
N ILE D 41 -5.31 7.75 12.58
CA ILE D 41 -4.77 7.77 13.97
C ILE D 41 -5.84 7.22 14.91
N ALA D 42 -7.07 7.65 14.81
CA ALA D 42 -8.11 7.23 15.78
C ALA D 42 -8.39 5.74 15.64
N LYS D 43 -8.49 5.19 14.44
CA LYS D 43 -8.73 3.74 14.27
C LYS D 43 -7.59 2.97 14.93
N TYR D 44 -6.36 3.30 14.64
CA TYR D 44 -5.22 2.56 15.22
C TYR D 44 -5.20 2.79 16.73
N ALA D 45 -5.60 3.96 17.23
CA ALA D 45 -5.65 4.19 18.70
C ALA D 45 -6.76 3.38 19.35
N VAL D 46 -7.89 3.16 18.68
CA VAL D 46 -8.96 2.30 19.25
C VAL D 46 -8.47 0.85 19.24
N GLU D 47 -7.66 0.44 18.28
CA GLU D 47 -7.07 -0.92 18.35
C GLU D 47 -6.16 -0.96 19.58
N ILE D 48 -5.34 0.07 19.80
CA ILE D 48 -4.36 0.03 20.92
C ILE D 48 -5.12 -0.05 22.25
N ALA D 49 -6.28 0.58 22.33
CA ALA D 49 -7.09 0.49 23.56
C ALA D 49 -7.61 -0.93 23.71
N ARG D 50 -8.27 -1.47 22.67
CA ARG D 50 -8.88 -2.83 22.72
C ARG D 50 -7.80 -3.87 23.06
N HIS D 51 -6.58 -3.72 22.52
CA HIS D 51 -5.45 -4.64 22.79
C HIS D 51 -5.02 -4.49 24.24
N SER D 52 -5.11 -3.30 24.80
CA SER D 52 -4.69 -3.05 26.20
C SER D 52 -5.69 -3.69 27.16
N GLY D 53 -6.93 -3.88 26.73
CA GLY D 53 -8.01 -4.40 27.61
C GLY D 53 -8.80 -3.25 28.15
N ARG D 54 -8.20 -2.06 28.20
CA ARG D 54 -8.87 -0.83 28.65
C ARG D 54 -9.98 -0.53 27.65
N LYS D 55 -11.02 0.18 28.07
CA LYS D 55 -12.15 0.55 27.18
C LYS D 55 -11.99 2.00 26.69
N THR D 56 -11.55 2.94 27.54
CA THR D 56 -11.42 4.37 27.18
C THR D 56 -10.11 4.62 26.49
N VAL D 57 -10.12 5.31 25.36
CA VAL D 57 -8.85 5.69 24.66
C VAL D 57 -8.17 6.78 25.49
N LYS D 58 -6.96 6.53 26.01
CA LYS D 58 -6.22 7.49 26.87
C LYS D 58 -5.09 8.16 26.09
N GLU D 59 -4.46 9.18 26.64
CA GLU D 59 -3.44 9.98 25.91
C GLU D 59 -2.37 9.08 25.29
N ASN D 60 -1.89 8.07 26.02
CA ASN D 60 -0.80 7.21 25.50
C ASN D 60 -1.26 6.48 24.25
N ASP D 61 -2.56 6.17 24.17
CA ASP D 61 -3.08 5.41 23.01
C ASP D 61 -2.99 6.29 21.76
N ILE D 62 -3.18 7.59 21.90
CA ILE D 62 -3.07 8.53 20.75
C ILE D 62 -1.58 8.71 20.44
N LYS D 63 -0.75 8.89 21.46
CA LYS D 63 0.70 9.07 21.23
C LYS D 63 1.26 7.87 20.48
N LEU D 64 0.92 6.65 20.86
CA LEU D 64 1.50 5.43 20.24
C LEU D 64 0.96 5.32 18.82
N ALA D 65 -0.27 5.74 18.59
CA ALA D 65 -0.87 5.65 17.25
C ALA D 65 -0.22 6.65 16.31
N ALA D 66 0.19 7.81 16.80
CA ALA D 66 0.73 8.88 15.94
C ALA D 66 2.16 8.58 15.51
N GLN D 67 2.95 7.87 16.32
CA GLN D 67 4.39 7.61 16.01
C GLN D 67 4.52 6.55 14.91
N LYS D 68 3.40 6.04 14.37
CA LYS D 68 3.45 5.06 13.26
C LYS D 68 2.71 5.63 12.03
N MET E 1 19.80 -18.44 2.48
CA MET E 1 18.41 -18.64 1.99
C MET E 1 17.54 -17.44 2.38
N ALA E 2 16.45 -17.20 1.65
CA ALA E 2 15.55 -16.06 1.89
C ALA E 2 14.46 -16.42 2.90
N GLY E 3 14.15 -17.71 3.05
CA GLY E 3 13.05 -18.14 3.95
C GLY E 3 13.53 -18.92 5.14
N ASN E 4 12.83 -18.80 6.25
CA ASN E 4 13.25 -19.44 7.51
C ASN E 4 12.95 -20.94 7.55
N PHE E 5 11.97 -21.44 6.81
CA PHE E 5 11.51 -22.84 6.97
C PHE E 5 12.39 -23.84 6.27
N ALA E 6 12.30 -25.09 6.70
CA ALA E 6 13.09 -26.18 6.10
C ALA E 6 12.54 -26.48 4.71
N ASN E 7 13.38 -26.43 3.69
CA ASN E 7 12.89 -26.63 2.30
C ASN E 7 12.16 -27.96 2.20
N ALA E 8 12.65 -29.03 2.80
CA ALA E 8 12.02 -30.35 2.65
C ALA E 8 10.64 -30.31 3.29
N ARG E 9 10.45 -29.46 4.28
CA ARG E 9 9.16 -29.39 5.00
C ARG E 9 8.18 -28.57 4.17
N VAL E 10 8.64 -27.53 3.49
CA VAL E 10 7.76 -26.76 2.58
C VAL E 10 7.40 -27.65 1.38
N GLU E 11 8.36 -28.38 0.82
CA GLU E 11 8.09 -29.29 -0.31
C GLU E 11 7.05 -30.31 0.11
N LYS E 12 7.18 -30.88 1.30
CA LYS E 12 6.26 -31.93 1.78
C LYS E 12 4.84 -31.37 1.75
N LEU E 13 4.67 -30.08 2.07
CA LEU E 13 3.32 -29.47 2.10
C LEU E 13 2.80 -29.38 0.66
N ILE E 14 3.65 -29.04 -0.31
CA ILE E 14 3.21 -28.90 -1.73
C ILE E 14 2.82 -30.28 -2.27
N ARG E 15 3.58 -31.33 -1.96
CA ARG E 15 3.20 -32.69 -2.41
C ARG E 15 1.88 -33.09 -1.73
N GLN E 16 1.70 -32.77 -0.45
CA GLN E 16 0.48 -33.18 0.28
C GLN E 16 -0.72 -32.47 -0.34
N ALA E 17 -0.52 -31.29 -0.93
CA ALA E 17 -1.62 -30.54 -1.56
C ALA E 17 -2.09 -31.28 -2.81
N GLY E 18 -1.22 -32.05 -3.48
CA GLY E 18 -1.64 -32.88 -4.63
C GLY E 18 -0.64 -32.88 -5.78
N ALA E 19 0.41 -32.06 -5.71
CA ALA E 19 1.41 -31.94 -6.81
C ALA E 19 2.15 -33.26 -7.00
N GLN E 20 2.30 -33.70 -8.25
CA GLN E 20 3.02 -34.97 -8.53
C GLN E 20 4.53 -34.69 -8.59
N ARG E 21 4.94 -33.51 -9.08
CA ARG E 21 6.36 -33.14 -9.20
C ARG E 21 6.51 -31.67 -8.77
N VAL E 22 7.62 -31.32 -8.12
CA VAL E 22 7.78 -29.93 -7.57
C VAL E 22 9.18 -29.40 -7.83
N SER E 23 9.29 -28.30 -8.57
CA SER E 23 10.61 -27.70 -8.86
C SER E 23 11.18 -27.05 -7.61
N ALA E 24 12.47 -27.20 -7.40
CA ALA E 24 13.15 -26.57 -6.25
C ALA E 24 12.82 -25.08 -6.26
N ASP E 25 12.67 -24.49 -7.43
CA ASP E 25 12.39 -23.05 -7.53
C ASP E 25 11.01 -22.78 -6.92
N ALA E 26 10.10 -23.74 -7.03
CA ALA E 26 8.75 -23.61 -6.43
C ALA E 26 8.87 -23.72 -4.91
N VAL E 27 9.69 -24.63 -4.41
CA VAL E 27 9.89 -24.79 -2.95
C VAL E 27 10.48 -23.48 -2.40
N ASP E 28 11.51 -22.94 -3.03
CA ASP E 28 12.17 -21.72 -2.50
C ASP E 28 11.21 -20.55 -2.55
N LYS E 29 10.41 -20.44 -3.61
CA LYS E 29 9.47 -19.30 -3.74
C LYS E 29 8.37 -19.47 -2.70
N MET E 30 7.90 -20.69 -2.49
CA MET E 30 6.83 -20.95 -1.49
C MET E 30 7.38 -20.56 -0.12
N ASN E 31 8.59 -21.00 0.22
CA ASN E 31 9.23 -20.73 1.53
C ASN E 31 9.35 -19.23 1.72
N GLU E 32 9.68 -18.51 0.66
CA GLU E 32 9.87 -17.04 0.76
C GLU E 32 8.53 -16.40 1.06
N ILE E 33 7.45 -16.86 0.44
CA ILE E 33 6.09 -16.26 0.62
C ILE E 33 5.58 -16.56 2.03
N LEU E 34 5.76 -17.78 2.54
CA LEU E 34 5.32 -18.12 3.91
C LEU E 34 6.16 -17.32 4.92
N THR E 35 7.45 -17.14 4.71
CA THR E 35 8.29 -16.37 5.64
C THR E 35 7.81 -14.94 5.69
N ASP E 36 7.49 -14.34 4.54
CA ASP E 36 7.09 -12.91 4.54
C ASP E 36 5.78 -12.76 5.29
N TRP E 37 4.80 -13.63 5.02
CA TRP E 37 3.49 -13.49 5.68
C TRP E 37 3.68 -13.76 7.15
N GLY E 38 4.53 -14.72 7.49
CA GLY E 38 4.84 -15.02 8.89
C GLY E 38 5.45 -13.83 9.59
N LYS E 39 6.37 -13.13 8.94
CA LYS E 39 7.06 -12.02 9.63
C LYS E 39 6.07 -10.88 9.84
N ASN E 40 5.09 -10.72 8.95
CA ASN E 40 4.06 -9.67 9.15
C ASN E 40 3.17 -10.06 10.33
N ILE E 41 2.74 -11.32 10.42
CA ILE E 41 1.92 -11.78 11.56
C ILE E 41 2.74 -11.61 12.84
N ALA E 42 3.99 -12.02 12.86
CA ALA E 42 4.81 -11.97 14.09
C ALA E 42 5.03 -10.52 14.52
N LYS E 43 5.34 -9.61 13.60
CA LYS E 43 5.62 -8.21 13.99
C LYS E 43 4.34 -7.59 14.56
N TYR E 44 3.18 -7.89 13.97
CA TYR E 44 1.90 -7.38 14.52
C TYR E 44 1.61 -8.05 15.86
N ALA E 45 1.96 -9.32 16.02
CA ALA E 45 1.74 -10.04 17.30
C ALA E 45 2.64 -9.47 18.39
N VAL E 46 3.91 -9.18 18.11
CA VAL E 46 4.80 -8.58 19.12
C VAL E 46 4.21 -7.23 19.53
N GLU E 47 3.67 -6.50 18.58
CA GLU E 47 3.06 -5.19 18.88
C GLU E 47 1.81 -5.38 19.74
N ILE E 48 1.03 -6.44 19.52
CA ILE E 48 -0.18 -6.68 20.35
C ILE E 48 0.29 -6.97 21.78
N ALA E 49 1.33 -7.74 21.94
CA ALA E 49 1.79 -8.10 23.28
C ALA E 49 2.28 -6.83 23.98
N ARG E 50 3.09 -6.01 23.29
CA ARG E 50 3.66 -4.78 23.90
C ARG E 50 2.52 -3.84 24.33
N HIS E 51 1.47 -3.72 23.52
CA HIS E 51 0.31 -2.84 23.83
C HIS E 51 -0.48 -3.44 25.00
N SER E 52 -0.52 -4.76 25.12
CA SER E 52 -1.28 -5.43 26.22
C SER E 52 -0.57 -5.18 27.54
N GLY E 53 0.71 -4.85 27.48
CA GLY E 53 1.50 -4.65 28.71
C GLY E 53 2.01 -5.98 29.20
N ARG E 54 2.13 -6.95 28.30
CA ARG E 54 2.60 -8.31 28.66
C ARG E 54 3.83 -8.62 27.82
N LYS E 55 4.84 -9.26 28.41
CA LYS E 55 6.11 -9.50 27.69
C LYS E 55 6.02 -10.75 26.82
N THR E 56 5.24 -11.76 27.19
CA THR E 56 5.18 -13.04 26.47
C THR E 56 4.13 -13.03 25.40
N VAL E 57 4.50 -13.31 24.14
CA VAL E 57 3.50 -13.43 23.04
C VAL E 57 2.70 -14.72 23.31
N LYS E 58 1.37 -14.64 23.28
CA LYS E 58 0.45 -15.76 23.62
C LYS E 58 -0.43 -16.11 22.42
N GLU E 59 -1.27 -17.15 22.56
CA GLU E 59 -2.18 -17.56 21.45
C GLU E 59 -3.05 -16.42 20.94
N ASN E 60 -3.72 -15.67 21.81
CA ASN E 60 -4.68 -14.64 21.35
C ASN E 60 -3.93 -13.62 20.48
N ASP E 61 -2.65 -13.41 20.75
CA ASP E 61 -1.90 -12.37 19.99
C ASP E 61 -1.66 -12.86 18.56
N ILE E 62 -1.43 -14.14 18.34
CA ILE E 62 -1.28 -14.68 16.96
C ILE E 62 -2.65 -14.66 16.29
N LYS E 63 -3.72 -15.05 16.98
CA LYS E 63 -5.07 -15.03 16.40
C LYS E 63 -5.41 -13.61 15.95
N LEU E 64 -5.23 -12.62 16.82
CA LEU E 64 -5.64 -11.23 16.51
C LEU E 64 -4.78 -10.70 15.37
N ALA E 65 -3.53 -11.12 15.30
CA ALA E 65 -2.62 -10.59 14.27
C ALA E 65 -3.00 -11.19 12.92
N ALA E 66 -3.43 -12.43 12.88
CA ALA E 66 -3.74 -13.12 11.61
C ALA E 66 -5.11 -12.71 11.11
N GLN E 67 -6.01 -12.32 12.01
CA GLN E 67 -7.40 -11.97 11.64
C GLN E 67 -7.43 -10.64 10.88
N LYS E 68 -6.51 -9.72 11.16
CA LYS E 68 -6.53 -8.36 10.54
C LYS E 68 -5.11 -7.83 10.28
N MET F 1 -0.37 -32.28 16.71
CA MET F 1 0.43 -31.35 15.87
C MET F 1 -0.20 -31.32 14.47
N ALA F 2 -1.08 -30.36 14.20
CA ALA F 2 -1.77 -30.24 12.89
C ALA F 2 -0.90 -29.45 11.92
N GLY F 3 0.10 -28.73 12.41
CA GLY F 3 0.96 -27.88 11.57
C GLY F 3 2.14 -28.65 11.06
N ASN F 4 2.58 -28.38 9.83
CA ASN F 4 3.67 -29.15 9.20
C ASN F 4 5.04 -28.64 9.63
N PHE F 5 5.22 -27.33 9.82
CA PHE F 5 6.57 -26.77 10.04
C PHE F 5 7.16 -27.13 11.38
N ALA F 6 8.47 -27.04 11.49
CA ALA F 6 9.18 -27.37 12.74
C ALA F 6 8.85 -26.31 13.78
N ASN F 7 8.39 -26.71 14.95
CA ASN F 7 7.93 -25.73 15.97
C ASN F 7 9.08 -24.75 16.27
N ALA F 8 10.29 -25.24 16.46
CA ALA F 8 11.41 -24.36 16.85
C ALA F 8 11.69 -23.34 15.75
N ARG F 9 11.43 -23.68 14.49
CA ARG F 9 11.76 -22.78 13.37
C ARG F 9 10.68 -21.72 13.30
N VAL F 10 9.44 -22.03 13.67
CA VAL F 10 8.36 -21.02 13.74
C VAL F 10 8.69 -20.08 14.90
N GLU F 11 9.14 -20.63 16.03
CA GLU F 11 9.47 -19.83 17.23
C GLU F 11 10.55 -18.82 16.84
N LYS F 12 11.57 -19.26 16.13
CA LYS F 12 12.70 -18.39 15.75
C LYS F 12 12.15 -17.22 14.93
N LEU F 13 11.11 -17.44 14.14
CA LEU F 13 10.51 -16.36 13.32
C LEU F 13 9.92 -15.32 14.28
N ILE F 14 9.17 -15.75 15.29
CA ILE F 14 8.51 -14.79 16.23
C ILE F 14 9.60 -14.09 17.07
N ARG F 15 10.66 -14.76 17.50
CA ARG F 15 11.72 -14.07 18.27
C ARG F 15 12.44 -13.07 17.36
N GLN F 16 12.59 -13.37 16.08
CA GLN F 16 13.26 -12.43 15.14
C GLN F 16 12.38 -11.20 14.94
N ALA F 17 11.07 -11.34 15.09
CA ALA F 17 10.15 -10.19 14.96
C ALA F 17 10.39 -9.24 16.12
N GLY F 18 10.84 -9.75 17.27
CA GLY F 18 11.21 -8.88 18.41
C GLY F 18 10.70 -9.37 19.75
N ALA F 19 9.93 -10.45 19.81
CA ALA F 19 9.31 -10.92 21.07
C ALA F 19 10.34 -11.18 22.17
N GLN F 20 10.07 -10.69 23.36
CA GLN F 20 10.98 -10.91 24.50
C GLN F 20 10.80 -12.36 24.95
N ARG F 21 9.57 -12.88 24.89
CA ARG F 21 9.25 -14.26 25.29
C ARG F 21 8.17 -14.80 24.36
N VAL F 22 8.19 -16.08 24.02
CA VAL F 22 7.20 -16.66 23.07
C VAL F 22 6.62 -17.94 23.69
N SER F 23 5.31 -18.03 23.82
CA SER F 23 4.70 -19.17 24.53
C SER F 23 4.38 -20.30 23.57
N ALA F 24 4.32 -21.53 24.07
CA ALA F 24 4.10 -22.72 23.23
C ALA F 24 2.78 -22.61 22.48
N ASP F 25 1.79 -21.98 23.09
CA ASP F 25 0.47 -21.85 22.43
C ASP F 25 0.60 -20.91 21.22
N ALA F 26 1.50 -19.94 21.27
CA ALA F 26 1.67 -18.98 20.15
C ALA F 26 2.45 -19.69 19.03
N VAL F 27 3.42 -20.51 19.37
CA VAL F 27 4.15 -21.30 18.35
C VAL F 27 3.15 -22.24 17.67
N ASP F 28 2.30 -22.92 18.42
CA ASP F 28 1.39 -23.92 17.81
C ASP F 28 0.31 -23.21 16.98
N LYS F 29 -0.18 -22.05 17.41
CA LYS F 29 -1.20 -21.34 16.61
C LYS F 29 -0.54 -20.77 15.36
N MET F 30 0.69 -20.29 15.46
CA MET F 30 1.41 -19.75 14.28
C MET F 30 1.64 -20.88 13.29
N ASN F 31 2.10 -22.03 13.75
CA ASN F 31 2.38 -23.19 12.86
C ASN F 31 1.08 -23.58 12.17
N GLU F 32 -0.04 -23.52 12.87
CA GLU F 32 -1.34 -23.94 12.29
C GLU F 32 -1.77 -22.90 11.24
N ILE F 33 -1.61 -21.62 11.52
CA ILE F 33 -2.01 -20.56 10.56
C ILE F 33 -1.10 -20.63 9.31
N LEU F 34 0.21 -20.79 9.46
CA LEU F 34 1.11 -20.82 8.29
C LEU F 34 0.88 -22.13 7.52
N THR F 35 0.56 -23.24 8.16
CA THR F 35 0.23 -24.48 7.43
C THR F 35 -1.05 -24.27 6.66
N ASP F 36 -2.06 -23.65 7.24
CA ASP F 36 -3.35 -23.50 6.50
C ASP F 36 -3.14 -22.59 5.29
N TRP F 37 -2.47 -21.45 5.45
CA TRP F 37 -2.31 -20.51 4.31
C TRP F 37 -1.43 -21.17 3.27
N GLY F 38 -0.49 -21.98 3.70
CA GLY F 38 0.37 -22.72 2.77
C GLY F 38 -0.45 -23.70 1.98
N LYS F 39 -1.30 -24.48 2.62
CA LYS F 39 -2.05 -25.53 1.89
C LYS F 39 -3.02 -24.87 0.90
N ASN F 40 -3.57 -23.69 1.20
CA ASN F 40 -4.43 -22.98 0.21
C ASN F 40 -3.58 -22.59 -1.00
N ILE F 41 -2.39 -22.03 -0.78
CA ILE F 41 -1.50 -21.62 -1.90
C ILE F 41 -1.09 -22.89 -2.67
N ALA F 42 -0.75 -23.98 -2.01
CA ALA F 42 -0.27 -25.18 -2.70
C ALA F 42 -1.38 -25.77 -3.56
N LYS F 43 -2.60 -25.88 -3.04
CA LYS F 43 -3.70 -26.53 -3.81
C LYS F 43 -3.99 -25.70 -5.07
N TYR F 44 -3.99 -24.38 -4.95
CA TYR F 44 -4.25 -23.51 -6.11
C TYR F 44 -3.09 -23.63 -7.09
N ALA F 45 -1.86 -23.80 -6.61
CA ALA F 45 -0.69 -23.95 -7.50
C ALA F 45 -0.78 -25.25 -8.28
N VAL F 46 -1.22 -26.33 -7.64
CA VAL F 46 -1.39 -27.63 -8.34
C VAL F 46 -2.43 -27.45 -9.44
N GLU F 47 -3.54 -26.80 -9.13
CA GLU F 47 -4.62 -26.58 -10.13
C GLU F 47 -4.08 -25.73 -11.29
N ILE F 48 -3.35 -24.65 -11.01
CA ILE F 48 -2.81 -23.75 -12.06
C ILE F 48 -1.90 -24.60 -12.96
N ALA F 49 -1.09 -25.46 -12.37
CA ALA F 49 -0.12 -26.24 -13.16
C ALA F 49 -0.88 -27.20 -14.07
N ARG F 50 -1.89 -27.87 -13.55
CA ARG F 50 -2.69 -28.84 -14.34
C ARG F 50 -3.39 -28.12 -15.50
N HIS F 51 -3.96 -26.95 -15.24
CA HIS F 51 -4.60 -26.16 -16.32
C HIS F 51 -3.56 -25.90 -17.40
N SER F 52 -2.31 -25.63 -17.02
CA SER F 52 -1.23 -25.33 -17.99
C SER F 52 -0.80 -26.60 -18.72
N GLY F 53 -0.93 -27.77 -18.09
CA GLY F 53 -0.60 -29.05 -18.74
C GLY F 53 0.71 -29.62 -18.26
N ARG F 54 1.46 -28.87 -17.43
CA ARG F 54 2.73 -29.36 -16.84
C ARG F 54 2.42 -30.36 -15.72
N LYS F 55 3.23 -31.40 -15.54
CA LYS F 55 3.03 -32.33 -14.41
C LYS F 55 3.81 -31.76 -13.21
N THR F 56 4.63 -30.73 -13.44
CA THR F 56 5.49 -30.13 -12.41
C THR F 56 5.02 -28.77 -12.01
N VAL F 57 4.96 -28.50 -10.71
CA VAL F 57 4.63 -27.15 -10.18
C VAL F 57 5.91 -26.30 -10.21
N LYS F 58 5.89 -25.13 -10.83
CA LYS F 58 7.10 -24.28 -10.97
C LYS F 58 6.91 -22.94 -10.27
N GLU F 59 7.96 -22.13 -10.18
CA GLU F 59 7.93 -20.84 -9.44
C GLU F 59 6.74 -19.97 -9.89
N ASN F 60 6.46 -19.96 -11.18
CA ASN F 60 5.36 -19.11 -11.72
C ASN F 60 4.05 -19.60 -11.12
N ASP F 61 3.90 -20.91 -10.95
CA ASP F 61 2.60 -21.44 -10.47
C ASP F 61 2.40 -20.99 -9.02
N ILE F 62 3.48 -20.91 -8.24
CA ILE F 62 3.39 -20.49 -6.81
C ILE F 62 3.12 -18.98 -6.79
N LYS F 63 3.90 -18.20 -7.54
CA LYS F 63 3.69 -16.75 -7.61
C LYS F 63 2.26 -16.48 -8.08
N LEU F 64 1.74 -17.27 -9.01
CA LEU F 64 0.38 -17.07 -9.58
C LEU F 64 -0.65 -17.65 -8.61
N ALA F 65 -0.26 -18.60 -7.76
CA ALA F 65 -1.17 -19.18 -6.75
C ALA F 65 -1.33 -18.17 -5.62
N ALA F 66 -0.30 -17.38 -5.34
CA ALA F 66 -0.45 -16.28 -4.37
C ALA F 66 -1.18 -15.18 -5.14
N GLN F 67 -1.61 -14.11 -4.49
CA GLN F 67 -2.40 -13.05 -5.17
C GLN F 67 -3.70 -13.67 -5.72
N LYS F 68 -4.21 -14.73 -5.09
CA LYS F 68 -5.48 -15.39 -5.49
C LYS F 68 -6.67 -14.46 -5.21
N MET G 1 -31.65 -9.35 -17.98
CA MET G 1 -31.76 -9.04 -16.54
C MET G 1 -30.43 -9.39 -15.85
N ALA G 2 -30.45 -10.26 -14.83
CA ALA G 2 -29.22 -10.69 -14.12
C ALA G 2 -28.48 -11.71 -15.00
N GLY G 3 -29.22 -12.49 -15.80
CA GLY G 3 -28.62 -13.46 -16.74
C GLY G 3 -28.48 -12.85 -18.13
N ASN G 4 -27.79 -13.53 -19.04
CA ASN G 4 -27.59 -13.01 -20.42
C ASN G 4 -28.77 -13.42 -21.30
N PHE G 5 -29.45 -14.52 -20.99
CA PHE G 5 -30.57 -15.05 -21.82
C PHE G 5 -31.82 -14.18 -21.68
N ALA G 6 -32.71 -14.21 -22.68
CA ALA G 6 -33.95 -13.39 -22.69
C ALA G 6 -34.90 -13.80 -21.55
N ASN G 7 -35.50 -12.82 -20.88
CA ASN G 7 -36.46 -13.08 -19.77
C ASN G 7 -37.53 -14.06 -20.21
N ALA G 8 -38.05 -13.93 -21.43
CA ALA G 8 -39.10 -14.85 -21.97
C ALA G 8 -38.58 -16.28 -21.96
N ARG G 9 -37.29 -16.48 -22.29
CA ARG G 9 -36.69 -17.83 -22.33
C ARG G 9 -36.48 -18.36 -20.91
N VAL G 10 -36.06 -17.49 -19.97
CA VAL G 10 -35.89 -17.90 -18.54
C VAL G 10 -37.26 -18.35 -18.01
N GLU G 11 -38.32 -17.56 -18.28
CA GLU G 11 -39.69 -17.89 -17.81
C GLU G 11 -40.11 -19.23 -18.43
N LYS G 12 -39.86 -19.42 -19.73
CA LYS G 12 -40.24 -20.67 -20.45
C LYS G 12 -39.57 -21.88 -19.77
N LEU G 13 -38.34 -21.72 -19.28
CA LEU G 13 -37.62 -22.81 -18.57
C LEU G 13 -38.33 -23.13 -17.25
N ILE G 14 -38.71 -22.10 -16.47
CA ILE G 14 -39.39 -22.30 -15.15
C ILE G 14 -40.73 -23.03 -15.38
N ARG G 15 -41.51 -22.59 -16.36
CA ARG G 15 -42.82 -23.23 -16.66
C ARG G 15 -42.57 -24.68 -17.10
N GLN G 16 -41.58 -24.91 -17.97
CA GLN G 16 -41.22 -26.28 -18.43
C GLN G 16 -40.70 -27.08 -17.23
N ALA G 17 -40.06 -26.41 -16.26
CA ALA G 17 -39.51 -27.07 -15.05
C ALA G 17 -40.65 -27.66 -14.21
N GLY G 18 -41.84 -27.06 -14.28
CA GLY G 18 -43.01 -27.58 -13.54
C GLY G 18 -43.93 -26.48 -13.02
N ALA G 19 -43.58 -25.21 -13.20
CA ALA G 19 -44.39 -24.07 -12.67
C ALA G 19 -45.80 -24.10 -13.28
N GLN G 20 -46.85 -24.24 -12.45
CA GLN G 20 -48.25 -24.19 -12.94
C GLN G 20 -48.52 -22.74 -13.37
N ARG G 21 -47.92 -21.77 -12.68
CA ARG G 21 -48.04 -20.33 -13.03
C ARG G 21 -46.73 -19.64 -12.61
N VAL G 22 -46.28 -18.60 -13.32
CA VAL G 22 -44.97 -17.93 -13.01
C VAL G 22 -45.13 -16.41 -12.93
N SER G 23 -44.75 -15.81 -11.80
CA SER G 23 -44.79 -14.33 -11.64
C SER G 23 -43.60 -13.70 -12.36
N ALA G 24 -43.77 -12.47 -12.87
CA ALA G 24 -42.68 -11.75 -13.57
C ALA G 24 -41.48 -11.55 -12.63
N ASP G 25 -41.75 -11.32 -11.33
CA ASP G 25 -40.66 -11.13 -10.33
C ASP G 25 -39.90 -12.44 -10.15
N ALA G 26 -40.59 -13.59 -10.27
CA ALA G 26 -39.95 -14.92 -10.15
C ALA G 26 -39.02 -15.11 -11.34
N VAL G 27 -39.45 -14.69 -12.53
CA VAL G 27 -38.62 -14.79 -13.77
C VAL G 27 -37.34 -13.95 -13.57
N ASP G 28 -37.49 -12.69 -13.14
CA ASP G 28 -36.32 -11.79 -12.95
C ASP G 28 -35.38 -12.37 -11.89
N LYS G 29 -35.92 -12.93 -10.80
CA LYS G 29 -35.10 -13.48 -9.69
C LYS G 29 -34.31 -14.70 -10.19
N MET G 30 -34.97 -15.57 -10.95
CA MET G 30 -34.31 -16.78 -11.51
C MET G 30 -33.17 -16.30 -12.42
N ASN G 31 -33.44 -15.35 -13.31
CA ASN G 31 -32.42 -14.85 -14.27
C ASN G 31 -31.22 -14.30 -13.50
N GLU G 32 -31.45 -13.56 -12.42
CA GLU G 32 -30.35 -12.97 -11.61
C GLU G 32 -29.52 -14.11 -11.01
N ILE G 33 -30.16 -15.14 -10.46
CA ILE G 33 -29.44 -16.28 -9.81
C ILE G 33 -28.57 -16.99 -10.86
N LEU G 34 -29.14 -17.28 -12.03
CA LEU G 34 -28.38 -17.98 -13.11
C LEU G 34 -27.21 -17.10 -13.55
N THR G 35 -27.39 -15.78 -13.60
CA THR G 35 -26.35 -14.83 -14.02
C THR G 35 -25.21 -14.84 -13.01
N ASP G 36 -25.51 -14.90 -11.72
CA ASP G 36 -24.46 -14.93 -10.66
C ASP G 36 -23.61 -16.19 -10.83
N TRP G 37 -24.24 -17.36 -10.94
CA TRP G 37 -23.53 -18.64 -11.10
C TRP G 37 -22.74 -18.60 -12.40
N GLY G 38 -23.33 -18.03 -13.45
CA GLY G 38 -22.67 -17.92 -14.76
C GLY G 38 -21.43 -17.07 -14.66
N LYS G 39 -21.48 -15.96 -13.93
CA LYS G 39 -20.31 -15.06 -13.77
C LYS G 39 -19.19 -15.82 -13.06
N ASN G 40 -19.53 -16.60 -12.03
CA ASN G 40 -18.53 -17.42 -11.29
C ASN G 40 -17.87 -18.40 -12.27
N ILE G 41 -18.69 -19.08 -13.08
CA ILE G 41 -18.16 -20.08 -14.06
C ILE G 41 -17.27 -19.33 -15.05
N ALA G 42 -17.71 -18.18 -15.56
CA ALA G 42 -16.97 -17.43 -16.59
C ALA G 42 -15.61 -16.98 -16.07
N LYS G 43 -15.56 -16.46 -14.85
CA LYS G 43 -14.28 -15.97 -14.26
C LYS G 43 -13.31 -17.14 -14.14
N TYR G 44 -13.79 -18.28 -13.64
CA TYR G 44 -12.93 -19.49 -13.44
C TYR G 44 -12.51 -20.04 -14.80
N ALA G 45 -13.42 -20.04 -15.77
CA ALA G 45 -13.13 -20.54 -17.14
C ALA G 45 -12.05 -19.68 -17.79
N VAL G 46 -12.13 -18.35 -17.64
CA VAL G 46 -11.14 -17.42 -18.23
C VAL G 46 -9.78 -17.73 -17.60
N GLU G 47 -9.76 -17.89 -16.27
CA GLU G 47 -8.51 -18.24 -15.57
C GLU G 47 -7.99 -19.56 -16.16
N ILE G 48 -8.88 -20.53 -16.39
CA ILE G 48 -8.47 -21.88 -16.90
C ILE G 48 -7.76 -21.69 -18.24
N ALA G 49 -8.31 -20.83 -19.09
CA ALA G 49 -7.73 -20.61 -20.43
C ALA G 49 -6.35 -19.98 -20.25
N ARG G 50 -6.22 -19.01 -19.35
CA ARG G 50 -4.95 -18.26 -19.17
C ARG G 50 -3.86 -19.25 -18.70
N HIS G 51 -4.19 -20.13 -17.75
CA HIS G 51 -3.23 -21.10 -17.17
C HIS G 51 -2.83 -22.13 -18.24
N SER G 52 -3.78 -22.55 -19.07
CA SER G 52 -3.51 -23.52 -20.16
C SER G 52 -2.66 -22.87 -21.24
N GLY G 53 -2.71 -21.54 -21.35
CA GLY G 53 -1.97 -20.81 -22.38
C GLY G 53 -2.71 -20.84 -23.70
N ARG G 54 -4.06 -20.89 -23.66
CA ARG G 54 -4.92 -20.91 -24.88
C ARG G 54 -5.75 -19.63 -24.92
N LYS G 55 -5.75 -18.90 -26.03
CA LYS G 55 -6.48 -17.61 -26.14
C LYS G 55 -7.98 -17.87 -26.32
N THR G 56 -8.37 -19.07 -26.73
CA THR G 56 -9.78 -19.43 -27.00
C THR G 56 -10.33 -20.35 -25.93
N VAL G 57 -11.40 -19.93 -25.25
CA VAL G 57 -12.07 -20.80 -24.23
C VAL G 57 -12.81 -21.90 -25.00
N LYS G 58 -12.57 -23.17 -24.67
CA LYS G 58 -13.18 -24.32 -25.38
C LYS G 58 -14.14 -25.09 -24.47
N GLU G 59 -14.71 -26.19 -24.97
CA GLU G 59 -15.65 -27.02 -24.17
C GLU G 59 -14.96 -27.45 -22.87
N ASN G 60 -13.66 -27.79 -22.93
CA ASN G 60 -12.91 -28.27 -21.73
C ASN G 60 -12.85 -27.15 -20.68
N ASP G 61 -12.72 -25.89 -21.11
CA ASP G 61 -12.63 -24.74 -20.16
C ASP G 61 -13.93 -24.66 -19.35
N ILE G 62 -15.07 -24.93 -19.97
CA ILE G 62 -16.39 -24.90 -19.27
C ILE G 62 -16.44 -26.08 -18.30
N LYS G 63 -16.01 -27.26 -18.74
CA LYS G 63 -16.03 -28.47 -17.88
C LYS G 63 -15.15 -28.22 -16.65
N LEU G 64 -13.94 -27.69 -16.81
CA LEU G 64 -13.00 -27.48 -15.68
C LEU G 64 -13.58 -26.41 -14.74
N ALA G 65 -14.22 -25.37 -15.29
CA ALA G 65 -14.80 -24.28 -14.48
C ALA G 65 -16.01 -24.79 -13.71
N ALA G 66 -16.72 -25.81 -14.22
CA ALA G 66 -17.95 -26.32 -13.59
C ALA G 66 -17.65 -27.27 -12.42
N GLN G 67 -16.67 -28.15 -12.55
CA GLN G 67 -16.38 -29.18 -11.51
C GLN G 67 -15.66 -28.57 -10.30
N LYS G 68 -15.00 -27.42 -10.44
CA LYS G 68 -14.23 -26.80 -9.33
C LYS G 68 -14.61 -25.32 -9.17
N MET H 1 -31.61 -27.33 -29.67
CA MET H 1 -30.44 -26.65 -29.07
C MET H 1 -30.06 -27.35 -27.75
N ALA H 2 -28.80 -27.27 -27.34
CA ALA H 2 -28.31 -27.91 -26.08
C ALA H 2 -28.83 -27.15 -24.85
N GLY H 3 -29.20 -25.88 -25.00
CA GLY H 3 -29.72 -25.05 -23.90
C GLY H 3 -30.94 -24.24 -24.32
N ASN H 4 -31.76 -23.80 -23.36
CA ASN H 4 -32.98 -23.03 -23.66
C ASN H 4 -32.64 -21.54 -23.89
N PHE H 5 -31.51 -21.07 -23.36
CA PHE H 5 -31.13 -19.63 -23.48
C PHE H 5 -30.60 -19.33 -24.89
N ALA H 6 -30.60 -18.06 -25.28
CA ALA H 6 -30.09 -17.64 -26.62
C ALA H 6 -28.57 -17.80 -26.67
N ASN H 7 -28.08 -18.62 -27.59
CA ASN H 7 -26.62 -18.91 -27.69
C ASN H 7 -25.83 -17.60 -27.77
N ALA H 8 -26.24 -16.64 -28.61
CA ALA H 8 -25.52 -15.36 -28.78
C ALA H 8 -25.42 -14.63 -27.44
N ARG H 9 -26.47 -14.73 -26.61
CA ARG H 9 -26.50 -14.06 -25.30
C ARG H 9 -25.56 -14.78 -24.32
N VAL H 10 -25.48 -16.11 -24.39
CA VAL H 10 -24.54 -16.89 -23.53
C VAL H 10 -23.11 -16.51 -23.96
N GLU H 11 -22.83 -16.54 -25.26
CA GLU H 11 -21.48 -16.19 -25.77
C GLU H 11 -21.16 -14.75 -25.34
N LYS H 12 -22.12 -13.83 -25.45
CA LYS H 12 -21.90 -12.41 -25.08
C LYS H 12 -21.51 -12.34 -23.59
N LEU H 13 -22.09 -13.18 -22.74
CA LEU H 13 -21.76 -13.20 -21.29
C LEU H 13 -20.28 -13.61 -21.13
N ILE H 14 -19.84 -14.65 -21.84
CA ILE H 14 -18.42 -15.12 -21.75
C ILE H 14 -17.49 -13.98 -22.23
N ARG H 15 -17.81 -13.34 -23.34
CA ARG H 15 -16.99 -12.22 -23.88
C ARG H 15 -16.97 -11.09 -22.86
N GLN H 16 -18.11 -10.80 -22.22
CA GLN H 16 -18.22 -9.70 -21.22
C GLN H 16 -17.32 -10.03 -20.01
N ALA H 17 -17.09 -11.31 -19.72
CA ALA H 17 -16.21 -11.74 -18.61
C ALA H 17 -14.75 -11.42 -18.95
N GLY H 18 -14.45 -11.14 -20.23
CA GLY H 18 -13.09 -10.73 -20.65
C GLY H 18 -12.44 -11.74 -21.60
N ALA H 19 -13.18 -12.72 -22.09
CA ALA H 19 -12.63 -13.78 -22.97
C ALA H 19 -11.99 -13.16 -24.22
N GLN H 20 -10.77 -13.56 -24.57
CA GLN H 20 -10.10 -13.10 -25.81
C GLN H 20 -10.86 -13.73 -26.98
N ARG H 21 -11.36 -14.94 -26.78
CA ARG H 21 -12.21 -15.58 -27.80
C ARG H 21 -13.09 -16.62 -27.12
N VAL H 22 -14.32 -16.82 -27.61
CA VAL H 22 -15.28 -17.77 -26.99
C VAL H 22 -15.70 -18.78 -28.06
N SER H 23 -15.36 -20.05 -27.88
CA SER H 23 -15.65 -21.06 -28.92
C SER H 23 -17.15 -21.39 -28.93
N ALA H 24 -17.76 -21.52 -30.11
CA ALA H 24 -19.19 -21.88 -30.25
C ALA H 24 -19.50 -23.15 -29.44
N ASP H 25 -18.58 -24.11 -29.41
CA ASP H 25 -18.79 -25.38 -28.66
C ASP H 25 -18.82 -25.08 -27.16
N ALA H 26 -17.97 -24.16 -26.70
CA ALA H 26 -17.94 -23.78 -25.26
C ALA H 26 -19.26 -23.06 -24.97
N VAL H 27 -19.80 -22.35 -25.95
CA VAL H 27 -21.09 -21.61 -25.79
C VAL H 27 -22.20 -22.64 -25.56
N ASP H 28 -22.24 -23.72 -26.33
CA ASP H 28 -23.31 -24.75 -26.21
C ASP H 28 -23.21 -25.42 -24.83
N LYS H 29 -21.99 -25.74 -24.38
CA LYS H 29 -21.80 -26.43 -23.07
C LYS H 29 -22.21 -25.45 -21.96
N MET H 30 -21.84 -24.19 -22.08
CA MET H 30 -22.20 -23.17 -21.06
C MET H 30 -23.73 -23.05 -21.00
N ASN H 31 -24.40 -22.99 -22.15
CA ASN H 31 -25.87 -22.85 -22.19
C ASN H 31 -26.50 -24.09 -21.56
N GLU H 32 -25.94 -25.27 -21.83
CA GLU H 32 -26.46 -26.52 -21.24
C GLU H 32 -26.32 -26.45 -19.72
N ILE H 33 -25.16 -26.03 -19.21
CA ILE H 33 -24.89 -26.02 -17.74
C ILE H 33 -25.83 -25.00 -17.06
N LEU H 34 -25.99 -23.82 -17.66
CA LEU H 34 -26.87 -22.76 -17.08
C LEU H 34 -28.32 -23.27 -17.12
N THR H 35 -28.69 -24.04 -18.15
CA THR H 35 -30.04 -24.60 -18.27
C THR H 35 -30.26 -25.58 -17.15
N ASP H 36 -29.30 -26.47 -16.90
CA ASP H 36 -29.45 -27.52 -15.85
C ASP H 36 -29.56 -26.86 -14.48
N TRP H 37 -28.65 -25.93 -14.15
CA TRP H 37 -28.63 -25.29 -12.81
C TRP H 37 -29.95 -24.51 -12.63
N GLY H 38 -30.40 -23.84 -13.68
CA GLY H 38 -31.67 -23.09 -13.63
C GLY H 38 -32.83 -24.04 -13.42
N LYS H 39 -32.82 -25.19 -14.09
CA LYS H 39 -33.92 -26.18 -13.98
C LYS H 39 -33.98 -26.71 -12.55
N ASN H 40 -32.83 -26.91 -11.91
CA ASN H 40 -32.81 -27.39 -10.50
C ASN H 40 -33.46 -26.33 -9.60
N ILE H 41 -33.08 -25.07 -9.76
CA ILE H 41 -33.68 -23.95 -8.97
C ILE H 41 -35.21 -23.94 -9.23
N ALA H 42 -35.62 -24.03 -10.49
CA ALA H 42 -37.06 -23.99 -10.87
C ALA H 42 -37.82 -25.16 -10.23
N LYS H 43 -37.24 -26.36 -10.24
CA LYS H 43 -37.89 -27.57 -9.65
C LYS H 43 -38.12 -27.34 -8.16
N TYR H 44 -37.11 -26.83 -7.44
CA TYR H 44 -37.24 -26.56 -5.99
C TYR H 44 -38.26 -25.43 -5.78
N ALA H 45 -38.26 -24.43 -6.66
CA ALA H 45 -39.22 -23.29 -6.58
C ALA H 45 -40.65 -23.82 -6.69
N VAL H 46 -40.89 -24.77 -7.61
CA VAL H 46 -42.24 -25.37 -7.81
C VAL H 46 -42.63 -26.18 -6.56
N GLU H 47 -41.68 -26.88 -5.95
CA GLU H 47 -41.96 -27.62 -4.69
C GLU H 47 -42.31 -26.60 -3.61
N ILE H 48 -41.55 -25.51 -3.49
CA ILE H 48 -41.78 -24.47 -2.44
C ILE H 48 -43.14 -23.82 -2.69
N ALA H 49 -43.51 -23.60 -3.95
CA ALA H 49 -44.83 -23.01 -4.31
C ALA H 49 -45.94 -23.96 -3.84
N ARG H 50 -45.80 -25.25 -4.11
CA ARG H 50 -46.80 -26.27 -3.69
C ARG H 50 -46.95 -26.25 -2.17
N HIS H 51 -45.84 -26.16 -1.42
CA HIS H 51 -45.85 -26.15 0.07
C HIS H 51 -46.45 -24.83 0.58
N SER H 52 -46.24 -23.73 -0.16
CA SER H 52 -46.75 -22.39 0.23
C SER H 52 -48.26 -22.28 -0.06
N GLY H 53 -48.78 -23.05 -1.02
CA GLY H 53 -50.21 -23.02 -1.39
C GLY H 53 -50.45 -22.10 -2.56
N ARG H 54 -49.65 -21.04 -2.72
CA ARG H 54 -49.78 -20.09 -3.86
C ARG H 54 -49.29 -20.81 -5.12
N LYS H 55 -50.14 -20.97 -6.13
CA LYS H 55 -49.78 -21.72 -7.37
C LYS H 55 -48.79 -20.91 -8.22
N THR H 56 -48.90 -19.58 -8.22
CA THR H 56 -48.02 -18.70 -9.03
C THR H 56 -46.68 -18.54 -8.35
N VAL H 57 -45.63 -19.14 -8.90
CA VAL H 57 -44.25 -19.01 -8.34
C VAL H 57 -43.89 -17.53 -8.23
N LYS H 58 -43.58 -17.05 -7.02
CA LYS H 58 -43.22 -15.63 -6.78
C LYS H 58 -41.72 -15.51 -6.51
N GLU H 59 -41.21 -14.28 -6.38
CA GLU H 59 -39.76 -14.03 -6.19
C GLU H 59 -39.23 -14.80 -4.97
N ASN H 60 -40.01 -14.90 -3.89
CA ASN H 60 -39.57 -15.60 -2.64
C ASN H 60 -39.39 -17.10 -2.93
N ASP H 61 -40.27 -17.68 -3.74
CA ASP H 61 -40.18 -19.12 -4.10
C ASP H 61 -38.86 -19.37 -4.82
N ILE H 62 -38.44 -18.46 -5.71
CA ILE H 62 -37.16 -18.59 -6.47
C ILE H 62 -35.98 -18.55 -5.48
N LYS H 63 -36.00 -17.62 -4.53
CA LYS H 63 -34.88 -17.49 -3.54
C LYS H 63 -34.77 -18.78 -2.75
N LEU H 64 -35.89 -19.28 -2.21
CA LEU H 64 -35.88 -20.51 -1.37
C LEU H 64 -35.44 -21.72 -2.21
N ALA H 65 -35.82 -21.77 -3.49
CA ALA H 65 -35.45 -22.88 -4.39
C ALA H 65 -33.94 -22.86 -4.66
N ALA H 66 -33.36 -21.68 -4.87
CA ALA H 66 -31.90 -21.54 -5.09
C ALA H 66 -31.16 -21.92 -3.81
N GLN H 67 -31.79 -21.72 -2.64
CA GLN H 67 -31.18 -22.04 -1.33
C GLN H 67 -31.47 -23.49 -0.93
N LYS H 68 -32.08 -24.30 -1.80
CA LYS H 68 -32.41 -25.73 -1.51
C LYS H 68 -31.10 -26.53 -1.28
#